data_8QYG
#
_entry.id   8QYG
#
_cell.length_a   52.472
_cell.length_b   84.279
_cell.length_c   100.606
_cell.angle_alpha   90.00
_cell.angle_beta   90.00
_cell.angle_gamma   90.00
#
_symmetry.space_group_name_H-M   'P 21 21 21'
#
loop_
_entity.id
_entity.type
_entity.pdbx_description
1 polymer 'NAD(P)H-dependent oxidoreductase'
2 non-polymer 'FLAVIN MONONUCLEOTIDE'
3 non-polymer GLYCEROL
4 non-polymer 'CHLORIDE ION'
5 non-polymer 'MAGNESIUM ION'
6 water water
#
_entity_poly.entity_id   1
_entity_poly.type   'polypeptide(L)'
_entity_poly.pdbx_seq_one_letter_code
;HHHHHHMADVKKQILDAYNFRHATKEFDPNKKVSDSDFEFILETGRLSPSSLGLEPWKFVVVQNPEFREKLREYTWGAQK
QLPTASHFVLILARTAKDIKYNADYIKRHLKEVKQMPQDVSEGYISKTEEFQKNDLHLLESDRTLFDWASKQTYIALGNM
MTAAAQIGVDSCPIEGFQYDHIHRILEEEGLLENGSFDISVMAAFGYRVRDPRPKTRSAVEDVVKWV
;
_entity_poly.pdbx_strand_id   A,B
#
loop_
_chem_comp.id
_chem_comp.type
_chem_comp.name
_chem_comp.formula
CL non-polymer 'CHLORIDE ION' 'Cl -1'
FMN non-polymer 'FLAVIN MONONUCLEOTIDE' 'C17 H21 N4 O9 P'
GOL non-polymer GLYCEROL 'C3 H8 O3'
MG non-polymer 'MAGNESIUM ION' 'Mg 2'
#
# COMPACT_ATOMS: atom_id res chain seq x y z
N MET A 7 17.74 -7.00 -17.59
CA MET A 7 16.25 -7.03 -17.58
C MET A 7 15.70 -5.81 -18.33
N ALA A 8 16.40 -5.36 -19.39
CA ALA A 8 16.25 -3.97 -19.82
C ALA A 8 14.86 -3.72 -20.39
N ASP A 9 14.35 -4.65 -21.19
CA ASP A 9 13.08 -4.48 -21.87
C ASP A 9 11.94 -4.48 -20.86
N VAL A 10 12.02 -5.43 -19.91
CA VAL A 10 10.98 -5.54 -18.90
C VAL A 10 10.98 -4.28 -18.06
N LYS A 11 12.17 -3.81 -17.66
CA LYS A 11 12.24 -2.62 -16.82
C LYS A 11 11.64 -1.42 -17.54
N LYS A 12 11.95 -1.29 -18.82
CA LYS A 12 11.45 -0.14 -19.54
C LYS A 12 9.91 -0.18 -19.61
N GLN A 13 9.35 -1.35 -19.93
CA GLN A 13 7.91 -1.53 -19.99
C GLN A 13 7.27 -1.16 -18.65
N ILE A 14 7.87 -1.65 -17.55
CA ILE A 14 7.29 -1.34 -16.26
C ILE A 14 7.40 0.15 -15.94
N LEU A 15 8.54 0.78 -16.15
CA LEU A 15 8.63 2.18 -15.86
C LEU A 15 7.73 3.00 -16.78
N ASP A 16 7.53 2.58 -18.03
CA ASP A 16 6.57 3.25 -18.88
C ASP A 16 5.18 3.17 -18.27
N ALA A 17 4.82 2.04 -17.66
CA ALA A 17 3.52 1.94 -17.01
C ALA A 17 3.42 2.83 -15.76
N TYR A 18 4.50 2.94 -15.01
CA TYR A 18 4.52 3.86 -13.86
C TYR A 18 4.36 5.29 -14.30
N ASN A 19 4.84 5.63 -15.49
N ASN A 19 4.85 5.63 -15.49
CA ASN A 19 4.69 6.98 -15.98
CA ASN A 19 4.65 6.95 -16.05
C ASN A 19 3.30 7.16 -16.63
C ASN A 19 3.24 7.15 -16.58
N PHE A 20 2.67 6.09 -17.15
CA PHE A 20 1.32 6.11 -17.68
C PHE A 20 0.30 6.34 -16.59
N ARG A 21 0.44 5.58 -15.49
CA ARG A 21 -0.46 5.74 -14.38
C ARG A 21 -0.38 7.17 -13.85
N HIS A 22 -1.52 7.76 -13.62
CA HIS A 22 -1.60 9.07 -12.99
C HIS A 22 -2.96 9.15 -12.32
N ALA A 23 -3.17 10.22 -11.55
CA ALA A 23 -4.45 10.35 -10.84
C ALA A 23 -5.51 10.91 -11.78
N THR A 24 -6.12 10.02 -12.55
CA THR A 24 -7.01 10.42 -13.62
C THR A 24 -8.26 11.03 -13.00
N LYS A 25 -8.60 12.23 -13.48
CA LYS A 25 -9.69 12.98 -12.93
C LYS A 25 -11.01 12.73 -13.61
N GLU A 26 -10.99 12.21 -14.83
CA GLU A 26 -12.17 12.00 -15.64
C GLU A 26 -11.87 10.85 -16.58
N PHE A 27 -12.82 9.95 -16.72
CA PHE A 27 -12.70 8.81 -17.60
C PHE A 27 -13.69 8.95 -18.73
N ASP A 28 -13.48 8.14 -19.77
N ASP A 28 -13.48 8.15 -19.79
CA ASP A 28 -14.40 8.05 -20.87
CA ASP A 28 -14.40 8.08 -20.90
C ASP A 28 -15.61 7.24 -20.46
C ASP A 28 -15.60 7.25 -20.48
N PRO A 29 -16.82 7.82 -20.42
CA PRO A 29 -17.97 7.06 -19.93
C PRO A 29 -18.39 5.95 -20.90
N ASN A 30 -17.85 5.95 -22.13
CA ASN A 30 -18.21 4.96 -23.13
C ASN A 30 -17.16 3.88 -23.38
N LYS A 31 -16.12 3.90 -22.60
CA LYS A 31 -15.10 2.88 -22.73
C LYS A 31 -15.02 2.07 -21.43
N LYS A 32 -15.36 0.78 -21.53
CA LYS A 32 -15.40 -0.06 -20.35
C LYS A 32 -14.22 -1.01 -20.35
N VAL A 33 -13.65 -1.20 -19.16
CA VAL A 33 -12.65 -2.23 -18.94
C VAL A 33 -13.34 -3.56 -19.17
N SER A 34 -12.70 -4.46 -19.92
CA SER A 34 -13.28 -5.75 -20.19
C SER A 34 -13.40 -6.56 -18.88
N ASP A 35 -14.30 -7.53 -18.91
CA ASP A 35 -14.47 -8.42 -17.77
C ASP A 35 -13.14 -9.09 -17.43
N SER A 36 -12.44 -9.55 -18.45
CA SER A 36 -11.18 -10.24 -18.25
C SER A 36 -10.14 -9.33 -17.65
N ASP A 37 -9.99 -8.14 -18.21
CA ASP A 37 -9.01 -7.21 -17.67
C ASP A 37 -9.33 -6.83 -16.24
N PHE A 38 -10.60 -6.62 -15.90
CA PHE A 38 -10.95 -6.22 -14.55
C PHE A 38 -10.74 -7.36 -13.56
N GLU A 39 -11.03 -8.58 -14.00
N GLU A 39 -11.04 -8.58 -14.00
CA GLU A 39 -10.77 -9.73 -13.14
CA GLU A 39 -10.77 -9.74 -13.14
C GLU A 39 -9.28 -9.86 -12.87
C GLU A 39 -9.28 -9.85 -12.85
N PHE A 40 -8.45 -9.55 -13.85
CA PHE A 40 -7.00 -9.54 -13.65
C PHE A 40 -6.60 -8.47 -12.64
N ILE A 41 -7.15 -7.27 -12.77
CA ILE A 41 -6.86 -6.23 -11.80
C ILE A 41 -7.24 -6.68 -10.39
N LEU A 42 -8.43 -7.24 -10.23
CA LEU A 42 -8.84 -7.72 -8.91
C LEU A 42 -7.91 -8.82 -8.41
N GLU A 43 -7.41 -9.68 -9.30
N GLU A 43 -7.41 -9.68 -9.30
CA GLU A 43 -6.51 -10.75 -8.91
CA GLU A 43 -6.50 -10.74 -8.90
C GLU A 43 -5.24 -10.16 -8.29
C GLU A 43 -5.24 -10.15 -8.28
N THR A 44 -4.73 -9.04 -8.81
CA THR A 44 -3.54 -8.45 -8.24
C THR A 44 -3.80 -7.94 -6.82
N GLY A 45 -5.03 -7.52 -6.53
CA GLY A 45 -5.41 -7.21 -5.18
C GLY A 45 -5.44 -8.46 -4.32
N ARG A 46 -6.16 -9.48 -4.80
CA ARG A 46 -6.35 -10.72 -4.03
C ARG A 46 -5.00 -11.36 -3.69
N LEU A 47 -4.06 -11.35 -4.63
CA LEU A 47 -2.77 -11.98 -4.47
C LEU A 47 -1.77 -11.13 -3.71
N SER A 48 -2.17 -9.94 -3.30
CA SER A 48 -1.28 -9.07 -2.56
C SER A 48 -0.90 -9.72 -1.24
N PRO A 49 0.31 -9.40 -0.75
CA PRO A 49 0.72 -9.81 0.60
C PRO A 49 0.06 -8.93 1.64
N SER A 50 0.01 -9.43 2.88
CA SER A 50 -0.55 -8.72 4.01
C SER A 50 0.14 -9.20 5.26
N SER A 51 0.26 -8.33 6.24
CA SER A 51 0.87 -8.70 7.51
C SER A 51 0.12 -9.87 8.13
N LEU A 52 0.91 -10.88 8.56
CA LEU A 52 0.40 -12.10 9.19
C LEU A 52 -0.48 -12.91 8.24
N GLY A 53 -0.44 -12.56 6.95
CA GLY A 53 -1.24 -13.24 5.96
C GLY A 53 -2.75 -13.07 6.11
N LEU A 54 -3.20 -12.07 6.86
CA LEU A 54 -4.61 -11.97 7.20
C LEU A 54 -5.55 -11.46 6.13
N GLU A 55 -5.00 -10.89 5.04
CA GLU A 55 -5.83 -10.43 3.91
C GLU A 55 -7.02 -9.66 4.42
N PRO A 56 -6.78 -8.54 5.15
CA PRO A 56 -7.87 -7.91 5.91
C PRO A 56 -8.64 -6.89 5.10
N TRP A 57 -9.01 -7.28 3.89
CA TRP A 57 -9.62 -6.42 2.90
C TRP A 57 -10.89 -7.01 2.31
N LYS A 58 -11.64 -6.09 1.69
CA LYS A 58 -12.71 -6.50 0.79
C LYS A 58 -12.73 -5.46 -0.32
N PHE A 59 -12.93 -5.91 -1.56
CA PHE A 59 -12.98 -5.03 -2.74
C PHE A 59 -14.43 -4.99 -3.19
N VAL A 60 -15.11 -3.86 -2.93
CA VAL A 60 -16.50 -3.71 -3.28
C VAL A 60 -16.58 -2.92 -4.58
N VAL A 61 -17.03 -3.56 -5.63
CA VAL A 61 -17.07 -2.97 -6.96
C VAL A 61 -18.43 -2.33 -7.14
N VAL A 62 -18.50 -1.00 -7.09
CA VAL A 62 -19.75 -0.28 -7.17
C VAL A 62 -19.98 0.12 -8.61
N GLN A 63 -20.80 -0.67 -9.31
CA GLN A 63 -21.19 -0.37 -10.67
C GLN A 63 -22.53 0.35 -10.73
N ASN A 64 -23.37 0.16 -9.72
CA ASN A 64 -24.71 0.71 -9.74
C ASN A 64 -24.62 2.23 -9.80
N PRO A 65 -25.20 2.89 -10.84
CA PRO A 65 -25.02 4.34 -10.97
C PRO A 65 -25.63 5.13 -9.83
N GLU A 66 -26.76 4.67 -9.31
CA GLU A 66 -27.43 5.39 -8.25
C GLU A 66 -26.62 5.34 -6.96
N PHE A 67 -26.00 4.18 -6.66
CA PHE A 67 -25.19 4.09 -5.46
C PHE A 67 -23.94 4.94 -5.61
N ARG A 68 -23.33 4.96 -6.82
CA ARG A 68 -22.21 5.87 -7.05
C ARG A 68 -22.63 7.30 -6.74
N GLU A 69 -23.81 7.72 -7.21
N GLU A 69 -23.81 7.72 -7.23
CA GLU A 69 -24.24 9.08 -6.97
CA GLU A 69 -24.25 9.08 -7.01
C GLU A 69 -24.43 9.37 -5.48
C GLU A 69 -24.43 9.39 -5.52
N LYS A 70 -24.91 8.39 -4.71
N LYS A 70 -24.89 8.41 -4.75
CA LYS A 70 -25.02 8.55 -3.26
CA LYS A 70 -25.03 8.57 -3.32
C LYS A 70 -23.65 8.83 -2.66
C LYS A 70 -23.66 8.82 -2.67
N LEU A 71 -22.64 8.08 -3.12
CA LEU A 71 -21.29 8.30 -2.65
C LEU A 71 -20.76 9.67 -3.07
N ARG A 72 -21.06 10.07 -4.30
CA ARG A 72 -20.51 11.29 -4.86
C ARG A 72 -20.85 12.51 -4.03
N GLU A 73 -22.03 12.52 -3.40
CA GLU A 73 -22.41 13.64 -2.57
C GLU A 73 -21.36 13.94 -1.51
N TYR A 74 -20.68 12.91 -1.03
CA TYR A 74 -19.76 13.06 0.08
C TYR A 74 -18.33 12.67 -0.28
N THR A 75 -18.03 12.61 -1.59
CA THR A 75 -16.72 12.26 -2.06
C THR A 75 -16.22 13.39 -2.95
N TRP A 76 -15.73 14.46 -2.30
CA TRP A 76 -15.25 15.64 -3.01
C TRP A 76 -14.12 15.31 -3.94
N GLY A 77 -13.34 14.28 -3.64
CA GLY A 77 -12.20 13.89 -4.45
C GLY A 77 -12.52 13.08 -5.70
N ALA A 78 -13.81 12.81 -5.95
CA ALA A 78 -14.18 11.93 -7.06
C ALA A 78 -15.37 12.49 -7.82
N GLN A 79 -15.44 13.79 -7.99
CA GLN A 79 -16.61 14.40 -8.61
C GLN A 79 -16.83 13.95 -10.05
N LYS A 80 -15.76 13.89 -10.85
CA LYS A 80 -15.91 13.35 -12.20
C LYS A 80 -15.57 11.88 -12.28
N GLN A 81 -14.73 11.38 -11.38
CA GLN A 81 -14.35 9.98 -11.44
C GLN A 81 -15.55 9.06 -11.16
N LEU A 82 -16.38 9.42 -10.19
CA LEU A 82 -17.47 8.53 -9.84
C LEU A 82 -18.43 8.33 -10.99
N PRO A 83 -18.92 9.39 -11.67
CA PRO A 83 -19.86 9.14 -12.74
C PRO A 83 -19.26 8.43 -13.94
N THR A 84 -18.01 8.77 -14.25
CA THR A 84 -17.43 8.34 -15.52
C THR A 84 -16.64 7.05 -15.47
N ALA A 85 -16.21 6.60 -14.28
CA ALA A 85 -15.32 5.46 -14.25
C ALA A 85 -15.98 4.25 -14.88
N SER A 86 -15.17 3.42 -15.52
CA SER A 86 -15.65 2.12 -15.94
C SER A 86 -16.06 1.29 -14.73
N HIS A 87 -15.13 1.20 -13.76
CA HIS A 87 -15.30 0.42 -12.55
C HIS A 87 -14.85 1.28 -11.39
N PHE A 88 -15.54 1.13 -10.26
CA PHE A 88 -15.24 1.94 -9.09
C PHE A 88 -15.19 1.00 -7.88
N VAL A 89 -14.11 1.07 -7.12
CA VAL A 89 -13.88 0.11 -6.03
C VAL A 89 -13.82 0.85 -4.71
N LEU A 90 -14.56 0.33 -3.75
CA LEU A 90 -14.38 0.69 -2.34
C LEU A 90 -13.52 -0.39 -1.74
N ILE A 91 -12.35 -0.04 -1.24
CA ILE A 91 -11.51 -1.00 -0.55
C ILE A 91 -11.82 -0.83 0.93
N LEU A 92 -12.33 -1.91 1.52
CA LEU A 92 -12.64 -1.95 2.94
C LEU A 92 -11.50 -2.65 3.65
N ALA A 93 -11.32 -2.28 4.92
CA ALA A 93 -10.38 -2.97 5.80
C ALA A 93 -11.13 -3.54 7.00
N ARG A 94 -10.65 -4.67 7.51
CA ARG A 94 -11.22 -5.26 8.71
C ARG A 94 -10.97 -4.33 9.91
N THR A 95 -11.94 -4.37 10.81
CA THR A 95 -11.93 -3.61 12.05
C THR A 95 -11.34 -4.45 13.19
N ALA A 96 -11.19 -3.78 14.35
CA ALA A 96 -10.75 -4.46 15.55
C ALA A 96 -11.62 -5.69 15.88
N LYS A 97 -12.91 -5.65 15.55
CA LYS A 97 -13.77 -6.78 15.77
C LYS A 97 -13.18 -8.06 15.19
N ASP A 98 -12.58 -7.94 14.03
CA ASP A 98 -12.14 -9.11 13.28
C ASP A 98 -10.63 -9.27 13.23
N ILE A 99 -9.82 -8.24 13.51
CA ILE A 99 -8.38 -8.42 13.38
C ILE A 99 -7.61 -8.08 14.65
N LYS A 100 -8.30 -7.89 15.79
CA LYS A 100 -7.61 -8.09 17.08
C LYS A 100 -7.19 -9.55 17.17
N TYR A 101 -6.07 -9.78 17.85
CA TYR A 101 -5.42 -11.09 17.87
C TYR A 101 -6.36 -12.24 18.23
N ASN A 102 -7.34 -12.00 19.10
CA ASN A 102 -8.20 -13.06 19.60
C ASN A 102 -9.51 -13.21 18.81
N ALA A 103 -9.61 -12.55 17.66
CA ALA A 103 -10.85 -12.57 16.91
C ALA A 103 -11.04 -13.92 16.19
N ASP A 104 -12.32 -14.27 16.05
CA ASP A 104 -12.68 -15.47 15.31
C ASP A 104 -12.23 -15.42 13.85
N TYR A 105 -12.25 -14.25 13.22
CA TYR A 105 -11.86 -14.15 11.82
C TYR A 105 -10.44 -14.68 11.66
N ILE A 106 -9.53 -14.27 12.53
CA ILE A 106 -8.15 -14.68 12.42
C ILE A 106 -8.04 -16.21 12.49
N LYS A 107 -8.67 -16.81 13.47
CA LYS A 107 -8.61 -18.27 13.62
C LYS A 107 -9.14 -18.93 12.36
N ARG A 108 -10.28 -18.47 11.85
CA ARG A 108 -10.89 -19.11 10.70
C ARG A 108 -10.04 -18.91 9.47
N HIS A 109 -9.48 -17.71 9.29
CA HIS A 109 -8.67 -17.43 8.11
C HIS A 109 -7.43 -18.32 8.12
N LEU A 110 -6.74 -18.36 9.27
CA LEU A 110 -5.54 -19.15 9.33
C LEU A 110 -5.85 -20.61 9.06
N LYS A 111 -6.92 -21.13 9.62
CA LYS A 111 -7.25 -22.52 9.36
C LYS A 111 -7.75 -22.76 7.93
N GLU A 112 -8.80 -22.07 7.52
CA GLU A 112 -9.51 -22.42 6.31
C GLU A 112 -8.79 -21.96 5.04
N VAL A 113 -8.13 -20.79 5.07
CA VAL A 113 -7.46 -20.24 3.92
C VAL A 113 -5.99 -20.63 3.97
N LYS A 114 -5.31 -20.32 5.08
CA LYS A 114 -3.88 -20.51 5.12
C LYS A 114 -3.48 -21.98 5.38
N GLN A 115 -4.45 -22.83 5.75
N GLN A 115 -4.45 -22.83 5.76
CA GLN A 115 -4.20 -24.23 6.02
CA GLN A 115 -4.20 -24.23 6.04
C GLN A 115 -3.19 -24.40 7.15
C GLN A 115 -3.19 -24.39 7.15
N MET A 116 -3.21 -23.48 8.12
CA MET A 116 -2.28 -23.54 9.21
C MET A 116 -2.80 -24.56 10.21
N PRO A 117 -2.00 -25.58 10.58
CA PRO A 117 -2.43 -26.60 11.54
C PRO A 117 -2.83 -25.94 12.84
N GLN A 118 -3.76 -26.57 13.53
CA GLN A 118 -4.19 -26.11 14.84
C GLN A 118 -2.99 -25.95 15.78
N ASP A 119 -2.09 -26.93 15.78
CA ASP A 119 -0.96 -26.80 16.67
C ASP A 119 -0.23 -25.48 16.41
N VAL A 120 0.03 -25.22 15.15
CA VAL A 120 0.86 -24.10 14.72
C VAL A 120 0.13 -22.79 14.97
N SER A 121 -1.19 -22.77 14.70
N SER A 121 -1.19 -22.77 14.68
CA SER A 121 -1.93 -21.54 14.85
CA SER A 121 -2.03 -21.59 14.85
C SER A 121 -1.99 -21.07 16.31
C SER A 121 -2.00 -21.08 16.29
N GLU A 122 -2.02 -21.97 17.28
CA GLU A 122 -1.98 -21.55 18.67
C GLU A 122 -0.78 -20.63 18.95
N GLY A 123 0.38 -21.09 18.50
CA GLY A 123 1.58 -20.30 18.69
C GLY A 123 1.58 -19.05 17.83
N TYR A 124 1.07 -19.17 16.62
CA TYR A 124 1.05 -18.03 15.71
C TYR A 124 0.16 -16.92 16.28
N ILE A 125 -0.98 -17.29 16.83
CA ILE A 125 -1.89 -16.33 17.42
C ILE A 125 -1.30 -15.76 18.72
N SER A 126 -0.56 -16.54 19.49
CA SER A 126 0.17 -15.99 20.64
C SER A 126 1.20 -14.94 20.17
N LYS A 127 1.90 -15.23 19.09
CA LYS A 127 2.85 -14.27 18.55
C LYS A 127 2.14 -13.01 18.06
N THR A 128 1.00 -13.20 17.39
CA THR A 128 0.21 -12.08 16.90
C THR A 128 -0.18 -11.17 18.09
N GLU A 129 -0.62 -11.80 19.19
CA GLU A 129 -0.99 -11.08 20.40
C GLU A 129 0.15 -10.20 20.91
N GLU A 130 1.35 -10.80 21.07
CA GLU A 130 2.46 -10.00 21.56
C GLU A 130 2.85 -8.91 20.59
N PHE A 131 2.77 -9.21 19.30
CA PHE A 131 3.09 -8.25 18.25
C PHE A 131 2.17 -7.03 18.32
N GLN A 132 0.86 -7.28 18.42
CA GLN A 132 -0.11 -6.20 18.48
C GLN A 132 0.04 -5.42 19.78
N LYS A 133 0.22 -6.12 20.91
CA LYS A 133 0.24 -5.41 22.18
C LYS A 133 1.50 -4.57 22.28
N ASN A 134 2.65 -5.21 22.10
CA ASN A 134 3.90 -4.67 22.59
C ASN A 134 4.93 -4.36 21.51
N ASP A 135 4.87 -4.99 20.34
CA ASP A 135 5.86 -4.71 19.32
C ASP A 135 5.51 -3.41 18.59
N LEU A 136 4.33 -3.36 17.99
CA LEU A 136 3.90 -2.21 17.22
C LEU A 136 2.78 -1.41 17.89
N HIS A 137 2.39 -1.78 19.11
CA HIS A 137 1.46 -1.00 19.88
C HIS A 137 0.16 -0.78 19.13
N LEU A 138 -0.30 -1.82 18.44
CA LEU A 138 -1.46 -1.74 17.59
C LEU A 138 -2.77 -1.64 18.36
N LEU A 139 -2.75 -2.04 19.66
CA LEU A 139 -3.94 -1.99 20.47
C LEU A 139 -4.11 -0.65 21.16
N GLU A 140 -3.34 0.36 20.80
CA GLU A 140 -3.49 1.66 21.44
C GLU A 140 -4.96 2.11 21.46
N SER A 141 -5.64 1.91 20.33
CA SER A 141 -7.05 2.19 20.21
C SER A 141 -7.64 1.26 19.15
N ASP A 142 -8.97 1.22 19.06
CA ASP A 142 -9.59 0.49 17.98
C ASP A 142 -9.18 1.07 16.64
N ARG A 143 -9.02 2.38 16.56
CA ARG A 143 -8.60 3.04 15.34
C ARG A 143 -7.17 2.65 14.94
N THR A 144 -6.28 2.52 15.92
N THR A 144 -6.26 2.51 15.91
CA THR A 144 -4.92 2.13 15.60
CA THR A 144 -4.90 2.14 15.52
C THR A 144 -4.91 0.78 14.89
C THR A 144 -4.90 0.74 14.91
N LEU A 145 -5.70 -0.12 15.40
N LEU A 145 -5.71 -0.19 15.44
CA LEU A 145 -5.74 -1.45 14.84
CA LEU A 145 -5.86 -1.54 14.87
C LEU A 145 -6.39 -1.46 13.46
C LEU A 145 -6.38 -1.45 13.44
N PHE A 146 -7.47 -0.70 13.29
CA PHE A 146 -8.05 -0.53 11.96
C PHE A 146 -7.03 0.06 10.99
N ASP A 147 -6.29 1.08 11.44
CA ASP A 147 -5.34 1.72 10.54
C ASP A 147 -4.24 0.78 10.09
N TRP A 148 -3.88 -0.16 10.98
CA TRP A 148 -2.94 -1.21 10.61
C TRP A 148 -3.49 -2.10 9.51
N ALA A 149 -4.73 -2.54 9.67
CA ALA A 149 -5.37 -3.33 8.62
C ALA A 149 -5.44 -2.51 7.33
N SER A 150 -5.78 -1.23 7.46
CA SER A 150 -5.91 -0.33 6.33
C SER A 150 -4.59 -0.19 5.59
N LYS A 151 -3.45 -0.13 6.30
CA LYS A 151 -2.17 -0.10 5.62
C LYS A 151 -2.02 -1.29 4.68
N GLN A 152 -2.45 -2.49 5.13
CA GLN A 152 -2.29 -3.66 4.28
C GLN A 152 -3.09 -3.45 2.97
N THR A 153 -4.26 -2.83 3.09
CA THR A 153 -5.09 -2.56 1.92
C THR A 153 -4.40 -1.62 0.93
N TYR A 154 -3.51 -0.76 1.38
CA TYR A 154 -2.79 0.15 0.49
C TYR A 154 -1.77 -0.57 -0.37
N ILE A 155 -1.28 -1.74 0.10
CA ILE A 155 -0.48 -2.61 -0.74
C ILE A 155 -1.33 -3.04 -1.92
N ALA A 156 -2.51 -3.56 -1.65
CA ALA A 156 -3.41 -4.00 -2.70
C ALA A 156 -3.79 -2.85 -3.63
N LEU A 157 -4.07 -1.67 -3.06
CA LEU A 157 -4.35 -0.48 -3.86
C LEU A 157 -3.23 -0.19 -4.86
N GLY A 158 -2.02 -0.09 -4.35
CA GLY A 158 -0.90 0.22 -5.21
C GLY A 158 -0.74 -0.80 -6.32
N ASN A 159 -0.80 -2.08 -5.94
CA ASN A 159 -0.67 -3.17 -6.88
C ASN A 159 -1.74 -3.11 -7.97
N MET A 160 -2.99 -2.92 -7.57
CA MET A 160 -4.06 -2.91 -8.57
C MET A 160 -3.87 -1.76 -9.57
N MET A 161 -3.52 -0.58 -9.07
CA MET A 161 -3.37 0.54 -9.98
C MET A 161 -2.21 0.32 -10.94
N THR A 162 -1.10 -0.18 -10.42
CA THR A 162 0.06 -0.40 -11.27
C THR A 162 -0.24 -1.48 -12.31
N ALA A 163 -0.90 -2.55 -11.88
CA ALA A 163 -1.21 -3.63 -12.80
C ALA A 163 -2.14 -3.14 -13.91
N ALA A 164 -3.12 -2.34 -13.52
CA ALA A 164 -4.04 -1.73 -14.45
C ALA A 164 -3.26 -0.93 -15.49
N ALA A 165 -2.32 -0.12 -15.02
CA ALA A 165 -1.56 0.73 -15.94
C ALA A 165 -0.76 -0.11 -16.93
N GLN A 166 -0.23 -1.22 -16.45
CA GLN A 166 0.54 -2.10 -17.31
C GLN A 166 -0.27 -2.70 -18.45
N ILE A 167 -1.59 -2.74 -18.31
CA ILE A 167 -2.47 -3.22 -19.38
C ILE A 167 -3.29 -2.09 -20.00
N GLY A 168 -2.81 -0.84 -19.81
CA GLY A 168 -3.37 0.30 -20.49
C GLY A 168 -4.65 0.86 -19.87
N VAL A 169 -4.92 0.49 -18.61
CA VAL A 169 -6.08 0.96 -17.90
C VAL A 169 -5.70 2.00 -16.87
N ASP A 170 -6.33 3.18 -16.98
CA ASP A 170 -6.12 4.25 -16.02
C ASP A 170 -6.84 3.98 -14.73
N SER A 171 -6.40 4.71 -13.71
CA SER A 171 -7.02 4.62 -12.40
C SER A 171 -6.94 5.96 -11.69
N CYS A 172 -7.60 6.03 -10.53
CA CYS A 172 -7.38 7.15 -9.63
C CYS A 172 -7.62 6.66 -8.21
N PRO A 173 -6.61 6.75 -7.32
CA PRO A 173 -6.83 6.45 -5.90
C PRO A 173 -7.56 7.65 -5.28
N ILE A 174 -8.44 7.39 -4.32
CA ILE A 174 -9.33 8.39 -3.79
C ILE A 174 -9.48 8.24 -2.26
N GLU A 175 -9.03 9.27 -1.54
CA GLU A 175 -9.24 9.46 -0.11
C GLU A 175 -10.16 10.63 0.15
N GLY A 176 -10.49 11.44 -0.87
CA GLY A 176 -11.18 12.67 -0.63
C GLY A 176 -12.68 12.47 -0.41
N PHE A 177 -13.01 12.05 0.81
CA PHE A 177 -14.39 11.82 1.17
C PHE A 177 -14.57 12.15 2.65
N GLN A 178 -15.82 12.39 2.99
CA GLN A 178 -16.21 12.65 4.36
C GLN A 178 -16.53 11.31 5.05
N TYR A 179 -15.59 10.85 5.90
CA TYR A 179 -15.70 9.56 6.54
C TYR A 179 -17.05 9.36 7.18
N ASP A 180 -17.53 10.38 7.93
CA ASP A 180 -18.71 10.11 8.73
C ASP A 180 -19.88 9.70 7.84
N HIS A 181 -20.01 10.38 6.73
CA HIS A 181 -21.10 10.14 5.83
C HIS A 181 -20.91 8.87 5.00
N ILE A 182 -19.69 8.65 4.50
CA ILE A 182 -19.44 7.42 3.76
C ILE A 182 -19.64 6.21 4.67
N HIS A 183 -19.15 6.29 5.91
CA HIS A 183 -19.32 5.22 6.86
C HIS A 183 -20.80 4.89 7.03
N ARG A 184 -21.63 5.91 7.25
CA ARG A 184 -23.06 5.68 7.42
C ARG A 184 -23.67 5.02 6.19
N ILE A 185 -23.35 5.55 5.01
CA ILE A 185 -23.90 5.01 3.77
C ILE A 185 -23.56 3.54 3.64
N LEU A 186 -22.31 3.19 3.84
CA LEU A 186 -21.90 1.80 3.68
C LEU A 186 -22.48 0.92 4.76
N GLU A 187 -22.56 1.42 5.98
CA GLU A 187 -23.14 0.63 7.05
C GLU A 187 -24.61 0.31 6.74
N GLU A 188 -25.36 1.33 6.35
CA GLU A 188 -26.80 1.15 6.11
C GLU A 188 -27.06 0.27 4.91
N GLU A 189 -26.12 0.23 3.97
CA GLU A 189 -26.22 -0.61 2.78
C GLU A 189 -25.89 -2.06 3.09
N GLY A 190 -25.38 -2.32 4.29
CA GLY A 190 -24.98 -3.67 4.67
C GLY A 190 -23.56 -4.01 4.34
N LEU A 191 -22.83 -3.11 3.69
CA LEU A 191 -21.55 -3.44 3.09
C LEU A 191 -20.43 -3.56 4.12
N LEU A 192 -20.66 -3.12 5.35
CA LEU A 192 -19.64 -3.25 6.37
C LEU A 192 -19.79 -4.54 7.20
N GLU A 193 -20.77 -5.36 6.89
CA GLU A 193 -20.87 -6.74 7.37
C GLU A 193 -20.89 -6.75 8.90
N ASN A 194 -21.88 -6.07 9.47
CA ASN A 194 -22.08 -6.13 10.90
C ASN A 194 -20.85 -5.70 11.67
N GLY A 195 -20.17 -4.67 11.16
CA GLY A 195 -19.05 -4.11 11.89
C GLY A 195 -17.75 -4.86 11.65
N SER A 196 -17.67 -5.79 10.67
CA SER A 196 -16.45 -6.46 10.29
C SER A 196 -15.49 -5.52 9.57
N PHE A 197 -16.04 -4.56 8.80
CA PHE A 197 -15.25 -3.74 7.91
C PHE A 197 -15.51 -2.25 8.14
N ASP A 198 -14.59 -1.42 7.66
CA ASP A 198 -14.84 0.00 7.48
C ASP A 198 -14.14 0.42 6.22
N ILE A 199 -14.55 1.60 5.71
CA ILE A 199 -13.96 2.15 4.52
C ILE A 199 -12.48 2.46 4.74
N SER A 200 -11.64 1.99 3.82
CA SER A 200 -10.24 2.28 3.83
C SER A 200 -9.88 3.34 2.79
N VAL A 201 -10.14 3.04 1.52
CA VAL A 201 -9.73 3.91 0.43
C VAL A 201 -10.54 3.49 -0.78
N MET A 202 -10.69 4.42 -1.74
CA MET A 202 -11.44 4.14 -2.97
C MET A 202 -10.50 4.17 -4.16
N ALA A 203 -10.94 3.56 -5.26
CA ALA A 203 -10.14 3.56 -6.49
C ALA A 203 -11.04 3.43 -7.70
N ALA A 204 -10.88 4.38 -8.63
CA ALA A 204 -11.58 4.34 -9.92
C ALA A 204 -10.67 3.73 -10.97
N PHE A 205 -11.31 3.11 -11.96
CA PHE A 205 -10.61 2.52 -13.10
C PHE A 205 -11.36 2.85 -14.38
N GLY A 206 -10.62 3.03 -15.47
CA GLY A 206 -11.23 3.28 -16.77
C GLY A 206 -10.17 3.76 -17.73
N TYR A 207 -10.63 4.49 -18.75
CA TYR A 207 -9.77 5.01 -19.81
C TYR A 207 -9.80 6.53 -19.77
N ARG A 208 -8.63 7.15 -19.77
CA ARG A 208 -8.58 8.61 -19.82
C ARG A 208 -9.27 9.20 -21.04
N VAL A 209 -9.59 10.47 -20.90
CA VAL A 209 -10.02 11.28 -22.04
C VAL A 209 -8.93 12.17 -22.57
N ARG A 210 -7.99 12.61 -21.75
CA ARG A 210 -6.86 13.45 -22.14
C ARG A 210 -5.65 12.98 -21.38
N ASP A 211 -4.49 13.07 -22.03
CA ASP A 211 -3.24 12.86 -21.30
C ASP A 211 -3.03 13.98 -20.30
N PRO A 212 -2.36 13.64 -19.16
CA PRO A 212 -2.08 14.64 -18.14
C PRO A 212 -0.82 15.41 -18.51
N ARG A 213 -0.54 16.41 -17.69
CA ARG A 213 0.73 17.10 -17.73
C ARG A 213 1.82 16.19 -17.18
N PRO A 214 3.12 16.51 -17.40
CA PRO A 214 4.18 15.67 -16.92
C PRO A 214 4.13 15.40 -15.43
N LYS A 215 4.46 14.16 -15.08
CA LYS A 215 4.46 13.73 -13.70
C LYS A 215 5.60 14.40 -12.94
N THR A 216 5.35 14.75 -11.67
CA THR A 216 6.34 15.34 -10.82
C THR A 216 6.54 14.49 -9.57
N ARG A 217 7.81 14.34 -9.20
CA ARG A 217 8.21 13.63 -7.99
C ARG A 217 9.48 14.27 -7.48
N SER A 218 9.71 14.05 -6.18
CA SER A 218 10.97 14.35 -5.52
C SER A 218 12.13 13.71 -6.28
N ALA A 219 13.26 14.37 -6.23
CA ALA A 219 14.50 13.80 -6.69
C ALA A 219 14.87 12.58 -5.89
N VAL A 220 15.51 11.62 -6.58
CA VAL A 220 15.85 10.38 -5.91
C VAL A 220 16.72 10.63 -4.68
N GLU A 221 17.62 11.59 -4.74
CA GLU A 221 18.53 11.83 -3.63
C GLU A 221 17.78 12.34 -2.40
N ASP A 222 16.57 12.89 -2.59
CA ASP A 222 15.81 13.40 -1.47
C ASP A 222 14.92 12.35 -0.82
N VAL A 223 14.70 11.22 -1.50
CA VAL A 223 13.86 10.16 -0.96
C VAL A 223 14.58 8.82 -0.76
N VAL A 224 15.89 8.73 -1.06
CA VAL A 224 16.68 7.54 -0.87
C VAL A 224 17.90 7.92 -0.09
N LYS A 225 18.26 7.09 0.90
CA LYS A 225 19.50 7.24 1.63
C LYS A 225 20.14 5.87 1.81
N TRP A 226 21.45 5.78 1.62
CA TRP A 226 22.18 4.55 1.79
C TRP A 226 22.97 4.55 3.10
N VAL A 227 22.98 3.40 3.80
CA VAL A 227 23.68 3.22 5.07
C VAL A 227 24.61 1.99 4.95
N HIS B 3 -1.71 -8.45 -31.35
CA HIS B 3 -1.79 -7.54 -30.18
C HIS B 3 -2.63 -8.14 -29.08
N HIS B 4 -3.65 -8.95 -29.39
CA HIS B 4 -4.41 -9.65 -28.33
C HIS B 4 -3.53 -10.66 -27.62
N HIS B 5 -2.74 -11.46 -28.35
CA HIS B 5 -1.87 -12.44 -27.68
C HIS B 5 -0.88 -11.66 -26.80
N HIS B 6 -0.32 -10.56 -27.31
CA HIS B 6 0.64 -9.77 -26.52
C HIS B 6 0.01 -9.28 -25.22
N MET B 7 -1.19 -8.70 -25.34
N MET B 7 -1.22 -8.79 -25.31
CA MET B 7 -1.94 -8.26 -24.18
CA MET B 7 -1.90 -8.25 -24.13
C MET B 7 -2.09 -9.39 -23.14
C MET B 7 -2.18 -9.36 -23.10
N ALA B 8 -2.57 -10.53 -23.62
CA ALA B 8 -2.75 -11.70 -22.76
C ALA B 8 -1.42 -12.12 -22.13
N ASP B 9 -0.31 -12.04 -22.86
CA ASP B 9 0.99 -12.43 -22.33
C ASP B 9 1.43 -11.44 -21.27
N VAL B 10 1.13 -10.14 -21.42
CA VAL B 10 1.42 -9.17 -20.36
C VAL B 10 0.72 -9.58 -19.06
N LYS B 11 -0.57 -9.86 -19.15
CA LYS B 11 -1.31 -10.32 -17.97
C LYS B 11 -0.70 -11.58 -17.38
N LYS B 12 -0.39 -12.55 -18.23
CA LYS B 12 0.19 -13.81 -17.75
C LYS B 12 1.49 -13.51 -17.00
N GLN B 13 2.37 -12.75 -17.62
CA GLN B 13 3.67 -12.51 -17.00
C GLN B 13 3.50 -11.77 -15.67
N ILE B 14 2.57 -10.82 -15.60
CA ILE B 14 2.33 -10.16 -14.32
C ILE B 14 1.82 -11.14 -13.28
N LEU B 15 0.83 -11.94 -13.63
CA LEU B 15 0.35 -12.90 -12.64
C LEU B 15 1.43 -13.92 -12.25
N ASP B 16 2.31 -14.28 -13.19
CA ASP B 16 3.42 -15.13 -12.82
C ASP B 16 4.28 -14.47 -11.77
N ALA B 17 4.49 -13.14 -11.89
CA ALA B 17 5.32 -12.45 -10.92
C ALA B 17 4.63 -12.39 -9.57
N TYR B 18 3.32 -12.19 -9.58
CA TYR B 18 2.56 -12.20 -8.33
C TYR B 18 2.64 -13.56 -7.62
N ASN B 19 2.73 -14.64 -8.40
N ASN B 19 2.72 -14.66 -8.39
CA ASN B 19 2.81 -15.96 -7.83
CA ASN B 19 2.89 -15.98 -7.83
C ASN B 19 4.27 -16.25 -7.41
C ASN B 19 4.30 -16.22 -7.33
N PHE B 20 5.26 -15.68 -8.08
CA PHE B 20 6.68 -15.82 -7.74
C PHE B 20 6.99 -15.11 -6.43
N ARG B 21 6.50 -13.89 -6.28
CA ARG B 21 6.74 -13.14 -5.05
C ARG B 21 6.11 -13.90 -3.90
N HIS B 22 6.89 -14.04 -2.82
CA HIS B 22 6.39 -14.64 -1.60
C HIS B 22 7.18 -14.01 -0.47
N ALA B 23 6.82 -14.32 0.75
CA ALA B 23 7.51 -13.73 1.90
C ALA B 23 8.77 -14.55 2.19
N THR B 24 9.83 -14.24 1.44
CA THR B 24 11.03 -15.05 1.48
C THR B 24 11.70 -14.93 2.83
N LYS B 25 12.00 -16.09 3.44
CA LYS B 25 12.48 -16.10 4.81
C LYS B 25 14.00 -16.07 4.90
N GLU B 26 14.67 -16.42 3.80
CA GLU B 26 16.12 -16.53 3.76
C GLU B 26 16.55 -16.30 2.32
N PHE B 27 17.57 -15.50 2.13
CA PHE B 27 18.13 -15.20 0.82
C PHE B 27 19.50 -15.82 0.69
N ASP B 28 20.00 -15.86 -0.53
CA ASP B 28 21.31 -16.37 -0.86
C ASP B 28 22.33 -15.30 -0.55
N PRO B 29 23.23 -15.46 0.43
CA PRO B 29 24.17 -14.40 0.75
C PRO B 29 25.21 -14.17 -0.34
N ASN B 30 25.29 -15.10 -1.30
CA ASN B 30 26.26 -14.98 -2.38
C ASN B 30 25.69 -14.46 -3.69
N LYS B 31 24.44 -14.03 -3.68
CA LYS B 31 23.85 -13.50 -4.91
C LYS B 31 23.31 -12.12 -4.63
N LYS B 32 23.86 -11.11 -5.31
CA LYS B 32 23.45 -9.74 -5.09
C LYS B 32 22.61 -9.24 -6.25
N VAL B 33 21.58 -8.45 -5.91
CA VAL B 33 20.83 -7.73 -6.91
C VAL B 33 21.78 -6.70 -7.51
N SER B 34 21.76 -6.54 -8.84
CA SER B 34 22.65 -5.60 -9.49
C SER B 34 22.28 -4.19 -9.08
N ASP B 35 23.25 -3.29 -9.20
CA ASP B 35 23.01 -1.90 -8.86
C ASP B 35 21.90 -1.37 -9.73
N SER B 36 21.92 -1.72 -11.02
CA SER B 36 20.93 -1.23 -11.95
C SER B 36 19.53 -1.76 -11.61
N ASP B 37 19.43 -3.03 -11.32
CA ASP B 37 18.17 -3.63 -10.94
C ASP B 37 17.60 -2.99 -9.67
N PHE B 38 18.48 -2.70 -8.70
CA PHE B 38 17.98 -2.13 -7.45
C PHE B 38 17.56 -0.66 -7.65
N GLU B 39 18.28 0.07 -8.53
CA GLU B 39 17.87 1.43 -8.85
C GLU B 39 16.45 1.45 -9.44
N PHE B 40 16.17 0.45 -10.29
CA PHE B 40 14.86 0.28 -10.88
C PHE B 40 13.81 0.03 -9.78
N ILE B 41 14.10 -0.90 -8.86
CA ILE B 41 13.19 -1.16 -7.76
C ILE B 41 12.91 0.11 -6.98
N LEU B 42 13.93 0.89 -6.64
CA LEU B 42 13.74 2.13 -5.93
C LEU B 42 12.88 3.12 -6.71
N GLU B 43 13.06 3.13 -8.03
N GLU B 43 13.07 3.15 -8.03
CA GLU B 43 12.32 4.05 -8.88
CA GLU B 43 12.31 4.05 -8.90
C GLU B 43 10.81 3.77 -8.77
C GLU B 43 10.81 3.78 -8.78
N THR B 44 10.43 2.51 -8.67
CA THR B 44 9.01 2.17 -8.52
C THR B 44 8.44 2.69 -7.20
N GLY B 45 9.28 2.79 -6.16
CA GLY B 45 8.91 3.47 -4.93
C GLY B 45 8.76 4.97 -5.17
N ARG B 46 9.78 5.59 -5.74
CA ARG B 46 9.77 7.04 -5.97
C ARG B 46 8.60 7.51 -6.81
N LEU B 47 8.25 6.72 -7.83
CA LEU B 47 7.20 7.04 -8.76
C LEU B 47 5.83 6.68 -8.24
N SER B 48 5.73 6.10 -7.05
CA SER B 48 4.43 5.73 -6.51
C SER B 48 3.59 6.95 -6.24
N PRO B 49 2.26 6.81 -6.34
CA PRO B 49 1.34 7.88 -5.97
C PRO B 49 1.23 7.96 -4.44
N SER B 50 0.73 9.11 -3.99
CA SER B 50 0.54 9.36 -2.58
C SER B 50 -0.59 10.35 -2.42
N SER B 51 -1.33 10.28 -1.32
CA SER B 51 -2.40 11.23 -1.07
C SER B 51 -1.84 12.63 -1.05
N LEU B 52 -2.54 13.53 -1.76
CA LEU B 52 -2.19 14.94 -1.86
C LEU B 52 -0.83 15.12 -2.53
N GLY B 53 -0.30 14.09 -3.16
CA GLY B 53 0.98 14.13 -3.82
C GLY B 53 2.18 14.38 -2.91
N LEU B 54 2.04 14.17 -1.60
CA LEU B 54 3.05 14.61 -0.67
C LEU B 54 4.28 13.73 -0.58
N GLU B 55 4.26 12.51 -1.12
CA GLU B 55 5.43 11.63 -1.14
C GLU B 55 6.04 11.56 0.24
N PRO B 56 5.28 11.10 1.25
CA PRO B 56 5.73 11.27 2.63
C PRO B 56 6.61 10.15 3.14
N TRP B 57 7.61 9.81 2.35
CA TRP B 57 8.42 8.62 2.57
C TRP B 57 9.89 8.94 2.44
N LYS B 58 10.68 7.99 2.96
CA LYS B 58 12.08 7.89 2.65
C LYS B 58 12.43 6.40 2.63
N PHE B 59 13.24 6.02 1.64
CA PHE B 59 13.71 4.65 1.50
C PHE B 59 15.17 4.60 1.94
N VAL B 60 15.40 4.00 3.12
CA VAL B 60 16.75 3.90 3.64
C VAL B 60 17.29 2.50 3.34
N VAL B 61 18.33 2.44 2.54
CA VAL B 61 18.87 1.17 2.10
C VAL B 61 20.03 0.82 3.04
N VAL B 62 19.79 -0.15 3.92
CA VAL B 62 20.76 -0.52 4.92
C VAL B 62 21.58 -1.72 4.40
N GLN B 63 22.75 -1.40 3.86
CA GLN B 63 23.69 -2.39 3.38
C GLN B 63 24.73 -2.76 4.43
N ASN B 64 24.98 -1.87 5.36
CA ASN B 64 26.01 -2.08 6.34
C ASN B 64 25.69 -3.30 7.18
N PRO B 65 26.57 -4.34 7.23
CA PRO B 65 26.19 -5.56 7.97
C PRO B 65 26.07 -5.36 9.46
N GLU B 66 26.89 -4.45 10.02
CA GLU B 66 26.83 -4.27 11.47
C GLU B 66 25.54 -3.57 11.88
N PHE B 67 25.08 -2.65 11.06
CA PHE B 67 23.85 -1.94 11.38
C PHE B 67 22.66 -2.90 11.20
N ARG B 68 22.70 -3.76 10.19
CA ARG B 68 21.71 -4.81 10.06
C ARG B 68 21.62 -5.68 11.30
N GLU B 69 22.79 -6.06 11.84
CA GLU B 69 22.83 -6.92 12.99
C GLU B 69 22.26 -6.21 14.21
N LYS B 70 22.50 -4.91 14.32
CA LYS B 70 21.92 -4.16 15.41
C LYS B 70 20.39 -4.17 15.32
N LEU B 71 19.86 -4.03 14.08
CA LEU B 71 18.43 -4.12 13.91
C LEU B 71 17.89 -5.51 14.20
N ARG B 72 18.65 -6.56 13.84
CA ARG B 72 18.22 -7.94 14.00
C ARG B 72 17.81 -8.25 15.43
N GLU B 73 18.49 -7.64 16.41
CA GLU B 73 18.18 -7.96 17.78
C GLU B 73 16.73 -7.71 18.10
N TYR B 74 16.14 -6.71 17.45
CA TYR B 74 14.79 -6.22 17.74
C TYR B 74 13.84 -6.39 16.56
N THR B 75 14.20 -7.22 15.59
CA THR B 75 13.38 -7.45 14.41
C THR B 75 13.13 -8.96 14.31
N TRP B 76 12.22 -9.44 15.17
CA TRP B 76 11.91 -10.89 15.23
C TRP B 76 11.46 -11.43 13.88
N GLY B 77 10.86 -10.60 13.03
CA GLY B 77 10.34 -11.06 11.76
C GLY B 77 11.38 -11.13 10.66
N ALA B 78 12.64 -10.82 10.93
CA ALA B 78 13.67 -10.79 9.90
C ALA B 78 14.95 -11.48 10.33
N GLN B 79 14.84 -12.59 11.07
CA GLN B 79 16.03 -13.17 11.62
C GLN B 79 17.02 -13.68 10.59
N LYS B 80 16.55 -14.33 9.55
CA LYS B 80 17.42 -14.72 8.46
C LYS B 80 17.44 -13.70 7.33
N GLN B 81 16.37 -12.94 7.16
CA GLN B 81 16.33 -12.00 6.08
C GLN B 81 17.34 -10.87 6.26
N LEU B 82 17.52 -10.36 7.49
CA LEU B 82 18.47 -9.28 7.68
C LEU B 82 19.89 -9.67 7.29
N PRO B 83 20.44 -10.79 7.78
CA PRO B 83 21.82 -11.08 7.45
C PRO B 83 22.02 -11.45 5.98
N THR B 84 21.03 -12.12 5.40
CA THR B 84 21.22 -12.75 4.09
C THR B 84 20.75 -11.88 2.92
N ALA B 85 19.93 -10.85 3.16
CA ALA B 85 19.36 -10.12 2.03
C ALA B 85 20.46 -9.46 1.20
N SER B 86 20.21 -9.37 -0.09
CA SER B 86 21.06 -8.53 -0.92
C SER B 86 20.97 -7.06 -0.49
N HIS B 87 19.73 -6.58 -0.40
CA HIS B 87 19.43 -5.20 -0.07
C HIS B 87 18.31 -5.22 0.96
N PHE B 88 18.39 -4.28 1.90
CA PHE B 88 17.43 -4.21 2.98
C PHE B 88 16.97 -2.76 3.12
N VAL B 89 15.68 -2.52 3.11
CA VAL B 89 15.15 -1.17 3.11
C VAL B 89 14.31 -0.94 4.36
N LEU B 90 14.61 0.17 5.03
CA LEU B 90 13.72 0.76 6.01
C LEU B 90 12.91 1.83 5.31
N ILE B 91 11.61 1.63 5.26
CA ILE B 91 10.73 2.65 4.70
C ILE B 91 10.26 3.51 5.87
N LEU B 92 10.61 4.79 5.77
CA LEU B 92 10.20 5.77 6.77
C LEU B 92 9.02 6.56 6.24
N ALA B 93 8.18 7.03 7.18
CA ALA B 93 7.08 7.91 6.84
C ALA B 93 7.30 9.25 7.56
N ARG B 94 6.87 10.34 6.91
CA ARG B 94 6.87 11.64 7.55
C ARG B 94 5.94 11.65 8.74
N THR B 95 6.34 12.43 9.75
CA THR B 95 5.60 12.63 10.97
C THR B 95 4.70 13.86 10.89
N ALA B 96 3.90 14.04 11.92
CA ALA B 96 3.05 15.22 12.03
C ALA B 96 3.83 16.51 11.86
N LYS B 97 5.07 16.53 12.33
CA LYS B 97 5.90 17.73 12.18
C LYS B 97 5.95 18.22 10.75
N ASP B 98 5.97 17.28 9.82
CA ASP B 98 6.15 17.62 8.40
C ASP B 98 4.91 17.43 7.56
N ILE B 99 3.91 16.65 7.99
CA ILE B 99 2.78 16.42 7.05
C ILE B 99 1.45 16.82 7.66
N LYS B 100 1.42 17.49 8.81
CA LYS B 100 0.26 18.30 9.17
C LYS B 100 0.11 19.40 8.12
N TYR B 101 -1.15 19.81 7.86
CA TYR B 101 -1.51 20.72 6.79
C TYR B 101 -0.68 21.99 6.76
N ASN B 102 -0.28 22.51 7.92
CA ASN B 102 0.40 23.79 7.99
C ASN B 102 1.92 23.65 8.06
N ALA B 103 2.46 22.48 7.76
CA ALA B 103 3.90 22.26 7.85
C ALA B 103 4.63 22.86 6.67
N ASP B 104 5.86 23.32 6.91
CA ASP B 104 6.70 23.86 5.87
C ASP B 104 7.04 22.82 4.81
N TYR B 105 7.18 21.52 5.19
CA TYR B 105 7.46 20.50 4.18
C TYR B 105 6.41 20.52 3.08
N ILE B 106 5.16 20.61 3.44
CA ILE B 106 4.09 20.61 2.46
C ILE B 106 4.20 21.84 1.56
N LYS B 107 4.35 23.01 2.16
CA LYS B 107 4.42 24.22 1.36
C LYS B 107 5.56 24.09 0.35
N ARG B 108 6.74 23.68 0.79
CA ARG B 108 7.87 23.58 -0.09
C ARG B 108 7.65 22.53 -1.18
N HIS B 109 7.04 21.41 -0.81
CA HIS B 109 6.82 20.36 -1.79
C HIS B 109 5.88 20.84 -2.89
N LEU B 110 4.81 21.52 -2.51
CA LEU B 110 3.82 22.01 -3.47
C LEU B 110 4.43 23.09 -4.39
N LYS B 111 5.28 23.94 -3.84
CA LYS B 111 5.91 24.97 -4.64
C LYS B 111 6.97 24.38 -5.54
N GLU B 112 7.93 23.63 -5.00
CA GLU B 112 9.14 23.26 -5.71
C GLU B 112 9.07 21.96 -6.50
N VAL B 113 8.33 20.96 -6.00
CA VAL B 113 8.16 19.75 -6.78
C VAL B 113 6.91 19.86 -7.66
N LYS B 114 5.79 20.27 -7.06
CA LYS B 114 4.51 20.25 -7.78
C LYS B 114 4.34 21.53 -8.61
N GLN B 115 5.18 22.54 -8.43
CA GLN B 115 5.17 23.72 -9.28
C GLN B 115 3.85 24.49 -9.20
N MET B 116 3.22 24.53 -8.04
CA MET B 116 1.99 25.32 -7.92
C MET B 116 2.28 26.79 -7.73
N PRO B 117 1.54 27.70 -8.43
CA PRO B 117 1.54 29.11 -8.03
C PRO B 117 0.78 29.23 -6.71
N GLN B 118 1.05 30.33 -6.05
CA GLN B 118 0.62 30.46 -4.67
C GLN B 118 -0.88 30.39 -4.52
N ASP B 119 -1.66 30.93 -5.46
CA ASP B 119 -3.09 30.87 -5.20
C ASP B 119 -3.53 29.40 -5.12
N VAL B 120 -2.95 28.60 -6.02
CA VAL B 120 -3.30 27.21 -6.10
C VAL B 120 -2.85 26.45 -4.86
N SER B 121 -1.62 26.71 -4.40
CA SER B 121 -1.16 26.02 -3.20
C SER B 121 -1.92 26.50 -1.97
N GLU B 122 -2.28 27.77 -1.86
CA GLU B 122 -3.09 28.22 -0.76
C GLU B 122 -4.41 27.47 -0.72
N GLY B 123 -5.05 27.31 -1.87
CA GLY B 123 -6.30 26.57 -1.87
C GLY B 123 -6.07 25.12 -1.47
N TYR B 124 -5.00 24.55 -2.00
CA TYR B 124 -4.70 23.15 -1.77
C TYR B 124 -4.46 22.90 -0.28
N ILE B 125 -3.69 23.80 0.36
CA ILE B 125 -3.42 23.70 1.77
C ILE B 125 -4.69 23.90 2.59
N SER B 126 -5.58 24.82 2.19
CA SER B 126 -6.88 24.94 2.83
C SER B 126 -7.67 23.64 2.73
N LYS B 127 -7.66 23.03 1.54
CA LYS B 127 -8.35 21.77 1.36
C LYS B 127 -7.72 20.70 2.26
N THR B 128 -6.39 20.67 2.32
CA THR B 128 -5.67 19.71 3.15
C THR B 128 -6.06 19.87 4.61
N GLU B 129 -6.19 21.12 5.10
CA GLU B 129 -6.60 21.35 6.46
C GLU B 129 -7.97 20.76 6.74
N GLU B 130 -8.94 21.03 5.87
CA GLU B 130 -10.28 20.51 6.11
C GLU B 130 -10.30 18.99 6.01
N PHE B 131 -9.54 18.46 5.06
CA PHE B 131 -9.40 17.02 4.87
C PHE B 131 -8.89 16.34 6.13
N GLN B 132 -7.79 16.89 6.67
CA GLN B 132 -7.19 16.29 7.86
C GLN B 132 -8.08 16.48 9.07
N LYS B 133 -8.63 17.68 9.28
CA LYS B 133 -9.39 17.94 10.48
C LYS B 133 -10.68 17.17 10.48
N ASN B 134 -11.46 17.33 9.41
CA ASN B 134 -12.86 16.99 9.44
C ASN B 134 -13.29 15.90 8.48
N ASP B 135 -12.60 15.69 7.37
CA ASP B 135 -13.02 14.64 6.46
C ASP B 135 -12.63 13.25 6.98
N LEU B 136 -11.34 13.09 7.27
CA LEU B 136 -10.79 11.81 7.71
C LEU B 136 -10.34 11.85 9.16
N HIS B 137 -10.51 12.97 9.87
CA HIS B 137 -10.22 13.04 11.29
C HIS B 137 -8.78 12.59 11.58
N LEU B 138 -7.86 13.04 10.74
CA LEU B 138 -6.46 12.62 10.87
C LEU B 138 -5.73 13.31 12.01
N LEU B 139 -6.31 14.38 12.58
CA LEU B 139 -5.67 15.11 13.65
C LEU B 139 -6.15 14.63 15.01
N GLU B 140 -6.77 13.46 15.09
CA GLU B 140 -7.10 12.90 16.38
C GLU B 140 -5.87 12.82 17.28
N SER B 141 -4.73 12.44 16.70
CA SER B 141 -3.48 12.36 17.41
C SER B 141 -2.33 12.49 16.44
N ASP B 142 -1.12 12.65 16.97
CA ASP B 142 0.05 12.63 16.12
C ASP B 142 0.16 11.27 15.43
N ARG B 143 -0.19 10.20 16.12
CA ARG B 143 -0.10 8.88 15.55
C ARG B 143 -1.13 8.66 14.43
N THR B 144 -2.32 9.24 14.56
N THR B 144 -2.35 9.21 14.53
CA THR B 144 -3.28 9.12 13.48
CA THR B 144 -3.28 9.00 13.43
C THR B 144 -2.71 9.67 12.19
C THR B 144 -2.78 9.70 12.18
N LEU B 145 -2.13 10.85 12.32
CA LEU B 145 -1.56 11.51 11.16
C LEU B 145 -0.38 10.75 10.58
N PHE B 146 0.54 10.28 11.46
CA PHE B 146 1.62 9.45 11.02
C PHE B 146 1.11 8.22 10.30
N ASP B 147 0.10 7.55 10.87
CA ASP B 147 -0.38 6.32 10.25
C ASP B 147 -0.97 6.58 8.88
N TRP B 148 -1.57 7.75 8.65
CA TRP B 148 -2.01 8.13 7.32
C TRP B 148 -0.82 8.24 6.37
N ALA B 149 0.25 8.91 6.80
CA ALA B 149 1.44 8.99 5.95
C ALA B 149 2.00 7.58 5.70
N SER B 150 1.99 6.73 6.75
CA SER B 150 2.48 5.37 6.63
C SER B 150 1.66 4.56 5.64
N LYS B 151 0.33 4.75 5.59
CA LYS B 151 -0.45 4.07 4.56
C LYS B 151 0.11 4.37 3.16
N GLN B 152 0.47 5.63 2.90
CA GLN B 152 0.98 5.96 1.59
C GLN B 152 2.23 5.14 1.30
N THR B 153 3.08 4.98 2.33
CA THR B 153 4.31 4.20 2.15
C THR B 153 4.04 2.73 1.78
N TYR B 154 2.88 2.18 2.17
CA TYR B 154 2.55 0.82 1.84
C TYR B 154 2.22 0.66 0.37
N ILE B 155 1.79 1.75 -0.31
CA ILE B 155 1.68 1.74 -1.76
C ILE B 155 3.05 1.48 -2.38
N ALA B 156 4.03 2.25 -1.93
CA ALA B 156 5.40 2.09 -2.41
C ALA B 156 5.98 0.74 -2.08
N LEU B 157 5.69 0.22 -0.88
CA LEU B 157 6.12 -1.12 -0.49
C LEU B 157 5.58 -2.16 -1.47
N GLY B 158 4.27 -2.13 -1.71
CA GLY B 158 3.69 -3.09 -2.62
C GLY B 158 4.29 -3.05 -3.98
N ASN B 159 4.39 -1.82 -4.50
CA ASN B 159 4.96 -1.58 -5.83
C ASN B 159 6.38 -2.14 -5.93
N MET B 160 7.22 -1.82 -4.97
CA MET B 160 8.61 -2.21 -5.05
C MET B 160 8.74 -3.72 -5.06
N MET B 161 7.97 -4.40 -4.21
CA MET B 161 8.07 -5.85 -4.13
C MET B 161 7.58 -6.48 -5.45
N THR B 162 6.48 -5.96 -5.98
CA THR B 162 5.96 -6.52 -7.22
C THR B 162 6.92 -6.28 -8.36
N ALA B 163 7.48 -5.08 -8.46
CA ALA B 163 8.42 -4.73 -9.51
C ALA B 163 9.63 -5.66 -9.43
N ALA B 164 10.16 -5.86 -8.21
CA ALA B 164 11.26 -6.78 -8.01
C ALA B 164 10.92 -8.16 -8.55
N ALA B 165 9.73 -8.65 -8.21
CA ALA B 165 9.34 -9.98 -8.64
C ALA B 165 9.31 -10.08 -10.16
N GLN B 166 8.89 -9.00 -10.83
CA GLN B 166 8.82 -9.00 -12.29
C GLN B 166 10.18 -9.10 -12.95
N ILE B 167 11.24 -8.81 -12.22
CA ILE B 167 12.61 -8.99 -12.70
C ILE B 167 13.33 -10.13 -11.99
N GLY B 168 12.55 -11.04 -11.37
CA GLY B 168 13.10 -12.24 -10.78
C GLY B 168 13.78 -12.08 -9.42
N VAL B 169 13.53 -10.95 -8.76
CA VAL B 169 14.10 -10.65 -7.47
C VAL B 169 13.04 -10.89 -6.37
N ASP B 170 13.40 -11.80 -5.43
CA ASP B 170 12.56 -12.07 -4.29
C ASP B 170 12.63 -10.91 -3.29
N SER B 171 11.62 -10.93 -2.41
CA SER B 171 11.55 -9.93 -1.37
C SER B 171 10.87 -10.49 -0.15
N CYS B 172 10.84 -9.68 0.91
CA CYS B 172 10.02 -10.02 2.07
C CYS B 172 9.63 -8.72 2.75
N PRO B 173 8.34 -8.43 2.89
CA PRO B 173 7.90 -7.29 3.70
C PRO B 173 8.00 -7.67 5.16
N ILE B 174 8.33 -6.69 6.01
CA ILE B 174 8.64 -6.93 7.41
C ILE B 174 8.05 -5.86 8.30
N GLU B 175 7.14 -6.31 9.17
CA GLU B 175 6.58 -5.53 10.28
C GLU B 175 7.02 -6.08 11.64
N GLY B 176 7.64 -7.27 11.66
CA GLY B 176 7.89 -7.93 12.92
C GLY B 176 9.11 -7.35 13.63
N PHE B 177 8.90 -6.23 14.31
CA PHE B 177 9.94 -5.56 15.01
C PHE B 177 9.34 -4.82 16.20
N GLN B 178 10.19 -4.58 17.19
CA GLN B 178 9.84 -3.83 18.37
C GLN B 178 10.06 -2.34 18.10
N TYR B 179 8.96 -1.63 17.89
CA TYR B 179 8.98 -0.23 17.54
C TYR B 179 9.91 0.56 18.45
N ASP B 180 9.77 0.38 19.76
CA ASP B 180 10.45 1.26 20.68
C ASP B 180 11.94 1.22 20.39
N HIS B 181 12.46 0.00 20.25
CA HIS B 181 13.88 -0.17 20.04
C HIS B 181 14.32 0.22 18.65
N ILE B 182 13.56 -0.15 17.63
CA ILE B 182 13.91 0.28 16.28
C ILE B 182 13.90 1.80 16.15
N HIS B 183 12.90 2.44 16.70
CA HIS B 183 12.83 3.89 16.72
C HIS B 183 14.09 4.48 17.32
N ARG B 184 14.52 3.98 18.48
CA ARG B 184 15.71 4.50 19.14
C ARG B 184 16.95 4.29 18.30
N ILE B 185 17.10 3.12 17.71
CA ILE B 185 18.26 2.81 16.91
C ILE B 185 18.35 3.77 15.74
N LEU B 186 17.22 4.00 15.05
N LEU B 186 17.21 3.94 15.04
CA LEU B 186 17.24 4.90 13.90
CA LEU B 186 17.19 4.83 13.90
C LEU B 186 17.43 6.35 14.32
C LEU B 186 17.46 6.26 14.34
N GLU B 187 16.81 6.73 15.44
N GLU B 187 16.82 6.68 15.42
CA GLU B 187 16.98 8.07 15.98
CA GLU B 187 16.99 8.03 15.93
C GLU B 187 18.46 8.33 16.24
C GLU B 187 18.45 8.31 16.21
N GLU B 188 19.11 7.39 16.92
CA GLU B 188 20.48 7.60 17.38
C GLU B 188 21.45 7.64 16.21
N GLU B 189 21.11 7.01 15.09
CA GLU B 189 21.93 7.03 13.89
C GLU B 189 21.71 8.33 13.08
N GLY B 190 20.68 9.10 13.39
CA GLY B 190 20.35 10.29 12.62
C GLY B 190 19.41 10.06 11.45
N LEU B 191 18.86 8.85 11.36
CA LEU B 191 18.06 8.48 10.21
C LEU B 191 16.68 9.12 10.23
N LEU B 192 16.22 9.61 11.37
CA LEU B 192 14.88 10.18 11.44
C LEU B 192 14.86 11.68 11.18
N GLU B 193 16.05 12.25 10.92
CA GLU B 193 16.15 13.64 10.47
C GLU B 193 15.43 14.59 11.40
N ASN B 194 15.87 14.56 12.65
CA ASN B 194 15.42 15.49 13.67
C ASN B 194 13.91 15.49 13.80
N GLY B 195 13.31 14.30 13.71
CA GLY B 195 11.89 14.18 13.96
C GLY B 195 11.02 14.30 12.72
N SER B 196 11.62 14.44 11.54
CA SER B 196 10.86 14.46 10.31
C SER B 196 10.22 13.14 9.96
N PHE B 197 10.87 12.04 10.34
CA PHE B 197 10.47 10.70 9.97
C PHE B 197 10.32 9.77 11.17
N ASP B 198 9.59 8.69 10.94
CA ASP B 198 9.63 7.55 11.85
C ASP B 198 9.52 6.29 11.01
N ILE B 199 9.88 5.16 11.62
CA ILE B 199 9.81 3.89 10.92
C ILE B 199 8.38 3.53 10.56
N SER B 200 8.17 3.16 9.29
CA SER B 200 6.90 2.67 8.81
C SER B 200 6.91 1.16 8.66
N VAL B 201 7.79 0.63 7.81
CA VAL B 201 7.79 -0.78 7.48
C VAL B 201 9.14 -1.10 6.87
N MET B 202 9.55 -2.37 6.87
CA MET B 202 10.82 -2.80 6.31
C MET B 202 10.59 -3.73 5.13
N ALA B 203 11.61 -3.88 4.29
CA ALA B 203 11.53 -4.79 3.16
C ALA B 203 12.91 -5.29 2.79
N ALA B 204 13.05 -6.60 2.67
CA ALA B 204 14.26 -7.23 2.21
C ALA B 204 14.11 -7.62 0.74
N PHE B 205 15.24 -7.65 0.04
CA PHE B 205 15.31 -8.04 -1.37
C PHE B 205 16.51 -8.96 -1.56
N GLY B 206 16.38 -9.91 -2.49
CA GLY B 206 17.48 -10.78 -2.83
C GLY B 206 16.98 -11.93 -3.66
N TYR B 207 17.70 -13.04 -3.57
CA TYR B 207 17.39 -14.25 -4.31
C TYR B 207 17.13 -15.38 -3.32
N ARG B 208 16.02 -16.10 -3.51
CA ARG B 208 15.72 -17.25 -2.66
C ARG B 208 16.80 -18.31 -2.68
N VAL B 209 16.78 -19.12 -1.62
CA VAL B 209 17.58 -20.34 -1.56
C VAL B 209 16.74 -21.58 -1.73
N ARG B 210 15.42 -21.50 -1.55
CA ARG B 210 14.54 -22.64 -1.78
C ARG B 210 13.20 -22.11 -2.24
N ASP B 211 12.44 -22.99 -2.90
CA ASP B 211 11.11 -22.57 -3.35
C ASP B 211 10.15 -22.71 -2.20
N PRO B 212 9.14 -21.82 -2.12
CA PRO B 212 8.14 -21.89 -1.06
C PRO B 212 7.08 -22.94 -1.40
N ARG B 213 6.26 -23.19 -0.38
CA ARG B 213 5.04 -23.97 -0.57
C ARG B 213 4.04 -23.17 -1.39
N PRO B 214 3.00 -23.80 -1.93
CA PRO B 214 2.02 -23.10 -2.73
C PRO B 214 1.41 -21.94 -1.96
N LYS B 215 1.17 -20.87 -2.69
CA LYS B 215 0.58 -19.67 -2.13
C LYS B 215 -0.88 -19.91 -1.79
N THR B 216 -1.35 -19.33 -0.68
CA THR B 216 -2.73 -19.43 -0.29
C THR B 216 -3.32 -18.04 -0.13
N ARG B 217 -4.54 -17.89 -0.62
CA ARG B 217 -5.32 -16.68 -0.50
C ARG B 217 -6.79 -17.04 -0.44
N SER B 218 -7.56 -16.09 0.09
CA SER B 218 -9.01 -16.17 0.06
C SER B 218 -9.52 -16.34 -1.36
N ALA B 219 -10.59 -17.11 -1.51
CA ALA B 219 -11.25 -17.22 -2.79
C ALA B 219 -11.79 -15.85 -3.22
N VAL B 220 -11.77 -15.61 -4.53
CA VAL B 220 -12.15 -14.28 -4.99
C VAL B 220 -13.55 -13.91 -4.55
N GLU B 221 -14.47 -14.89 -4.51
CA GLU B 221 -15.85 -14.60 -4.16
C GLU B 221 -16.00 -14.18 -2.69
N ASP B 222 -14.99 -14.42 -1.87
CA ASP B 222 -15.02 -14.03 -0.47
C ASP B 222 -14.34 -12.69 -0.20
N VAL B 223 -13.61 -12.14 -1.17
CA VAL B 223 -12.99 -10.84 -0.98
C VAL B 223 -13.48 -9.80 -1.99
N VAL B 224 -14.36 -10.15 -2.92
CA VAL B 224 -14.92 -9.24 -3.89
C VAL B 224 -16.45 -9.27 -3.80
N LYS B 225 -17.08 -8.11 -3.80
CA LYS B 225 -18.51 -8.00 -3.80
C LYS B 225 -18.88 -6.96 -4.87
N TRP B 226 -19.88 -7.26 -5.68
CA TRP B 226 -20.36 -6.35 -6.72
C TRP B 226 -21.65 -5.69 -6.27
N VAL B 227 -21.78 -4.39 -6.48
CA VAL B 227 -22.97 -3.58 -6.09
C VAL B 227 -23.55 -2.88 -7.33
N1 FMN C . -6.69 12.35 -6.43
C2 FMN C . -7.95 12.76 -6.57
O2 FMN C . -8.34 13.33 -7.62
N3 FMN C . -8.90 12.56 -5.60
C4 FMN C . -8.64 11.95 -4.40
O4 FMN C . -9.54 11.84 -3.55
C4A FMN C . -7.32 11.47 -4.22
N5 FMN C . -7.02 10.77 -3.11
C5A FMN C . -5.83 10.11 -3.13
C6 FMN C . -5.58 9.14 -2.15
C7 FMN C . -4.49 8.29 -2.21
C7M FMN C . -4.30 7.18 -1.22
C8 FMN C . -3.53 8.51 -3.21
C8M FMN C . -2.34 7.61 -3.32
C9 FMN C . -3.68 9.56 -4.12
C9A FMN C . -4.86 10.31 -4.12
N10 FMN C . -5.13 11.21 -5.16
C10 FMN C . -6.40 11.67 -5.31
C1' FMN C . -4.15 11.33 -6.24
C2' FMN C . -2.86 12.08 -5.81
O2' FMN C . -3.06 13.49 -5.74
C3' FMN C . -1.78 11.75 -6.85
O3' FMN C . -1.59 10.33 -6.77
C4' FMN C . -0.43 12.39 -6.56
O4' FMN C . -0.48 13.81 -6.75
C5' FMN C . 0.65 11.88 -7.52
O5' FMN C . 0.26 12.11 -8.89
P FMN C . 0.02 10.91 -9.91
O1P FMN C . -0.77 9.83 -9.22
O2P FMN C . 1.40 10.39 -10.34
O3P FMN C . -0.71 11.61 -11.02
C1 GOL D . -0.16 -17.06 7.92
O1 GOL D . -1.17 -16.23 7.42
C2 GOL D . 1.14 -16.80 7.22
O2 GOL D . 1.53 -15.47 7.38
C3 GOL D . 2.20 -17.69 7.80
O3 GOL D . 3.42 -17.58 7.07
C1 GOL E . -1.25 -1.18 23.27
O1 GOL E . -0.90 -1.88 22.07
C2 GOL E . -0.33 -0.01 23.50
O2 GOL E . 1.01 -0.44 23.73
C3 GOL E . -0.75 0.86 24.65
O3 GOL E . -0.05 2.09 24.59
C1 GOL F . -8.15 -2.71 20.25
O1 GOL F . -9.51 -2.99 19.97
C2 GOL F . -7.92 -2.11 21.61
O2 GOL F . -8.58 -0.85 21.65
C3 GOL F . -8.45 -2.96 22.74
O3 GOL F . -7.69 -4.15 22.83
C1 GOL G . 10.14 15.06 -12.16
O1 GOL G . 9.58 15.82 -11.10
C2 GOL G . 10.84 13.76 -11.79
O2 GOL G . 11.32 13.76 -10.46
C3 GOL G . 10.00 12.51 -11.96
O3 GOL G . 10.77 11.48 -12.55
C1 GOL H . 1.51 1.46 -20.18
O1 GOL H . 2.82 1.89 -20.55
C2 GOL H . 0.64 1.40 -21.42
O2 GOL H . 1.40 1.68 -22.60
C3 GOL H . -0.02 0.07 -21.60
O3 GOL H . -0.78 0.04 -22.79
CL CL I . -15.89 -7.98 -21.75
MG MG J . -20.31 -7.19 -20.26
N1 FMN K . 6.92 -12.09 6.94
C2 FMN K . 7.99 -12.28 7.71
O2 FMN K . 8.69 -13.31 7.60
N3 FMN K . 8.38 -11.34 8.65
C4 FMN K . 7.68 -10.19 8.90
O4 FMN K . 8.07 -9.43 9.77
C4A FMN K . 6.56 -9.93 8.05
N5 FMN K . 5.91 -8.78 8.14
C5A FMN K . 5.01 -8.46 7.17
C6 FMN K . 4.51 -7.17 7.07
C7 FMN K . 3.76 -6.77 5.99
C7M FMN K . 3.33 -5.34 5.82
C8 FMN K . 3.38 -7.73 5.03
C8M FMN K . 2.59 -7.30 3.82
C9 FMN K . 3.76 -9.03 5.17
C9A FMN K . 4.64 -9.41 6.19
N10 FMN K . 5.18 -10.69 6.25
C10 FMN K . 6.27 -10.93 7.06
C1' FMN K . 4.84 -11.66 5.19
C2' FMN K . 3.40 -12.18 5.28
O2' FMN K . 3.26 -13.20 6.30
C3' FMN K . 3.03 -12.75 3.92
O3' FMN K . 3.12 -11.69 2.99
C4' FMN K . 1.63 -13.35 3.84
O4' FMN K . 1.48 -14.51 4.67
C5' FMN K . 1.28 -13.79 2.44
O5' FMN K . 2.23 -14.73 1.93
P FMN K . 3.14 -14.39 0.66
O1P FMN K . 3.68 -13.00 0.80
O2P FMN K . 2.27 -14.53 -0.56
O3P FMN K . 4.18 -15.48 0.71
C1 GOL L . -1.94 18.04 -7.17
O1 GOL L . -2.67 17.24 -8.12
C2 GOL L . -0.95 17.21 -6.35
O2 GOL L . -1.58 16.16 -5.65
C3 GOL L . -0.21 18.12 -5.38
O3 GOL L . 0.83 17.44 -4.70
MG MG M . 3.23 -15.98 -26.12
#